data_6CFA
#
_entry.id   6CFA
#
_entity_poly.entity_id   1
_entity_poly.type   'polypeptide(L)'
_entity_poly.pdbx_seq_one_letter_code
;PMARNKKLLKKLRLKIAFK
;
_entity_poly.pdbx_strand_id   A
#
# COMPACT_ATOMS: atom_id res chain seq x y z
N PRO A 1 12.97 2.16 2.48
CA PRO A 1 12.19 2.45 3.71
C PRO A 1 11.02 1.49 3.81
N MET A 2 11.32 0.21 3.98
CA MET A 2 10.29 -0.80 4.08
C MET A 2 9.30 -0.45 5.19
N ALA A 3 9.80 0.17 6.23
CA ALA A 3 8.94 0.54 7.37
C ALA A 3 7.78 1.41 6.90
N ARG A 4 8.11 2.47 6.18
CA ARG A 4 7.09 3.39 5.68
C ARG A 4 6.34 2.79 4.49
N ASN A 5 7.07 1.99 3.72
CA ASN A 5 6.48 1.38 2.53
C ASN A 5 5.30 0.50 2.88
N LYS A 6 5.45 -0.33 3.91
CA LYS A 6 4.38 -1.24 4.30
C LYS A 6 3.11 -0.45 4.62
N LYS A 7 3.26 0.65 5.32
CA LYS A 7 2.11 1.47 5.69
C LYS A 7 1.42 2.04 4.46
N LEU A 8 2.22 2.55 3.53
CA LEU A 8 1.66 3.12 2.31
C LEU A 8 1.16 2.02 1.38
N LEU A 9 1.91 0.93 1.30
CA LEU A 9 1.52 -0.20 0.44
C LEU A 9 0.14 -0.71 0.82
N LYS A 10 -0.09 -0.86 2.12
CA LYS A 10 -1.37 -1.36 2.61
C LYS A 10 -2.51 -0.46 2.15
N LYS A 11 -2.20 0.81 1.91
CA LYS A 11 -3.19 1.77 1.50
C LYS A 11 -3.32 1.82 -0.02
N LEU A 12 -2.20 1.64 -0.71
CA LEU A 12 -2.19 1.70 -2.17
C LEU A 12 -2.82 0.47 -2.82
N ARG A 13 -2.72 -0.68 -2.17
CA ARG A 13 -3.23 -1.92 -2.78
C ARG A 13 -4.75 -1.90 -3.02
N LEU A 14 -5.57 -1.64 -1.99
CA LEU A 14 -7.02 -1.66 -2.19
C LEU A 14 -7.49 -0.53 -3.12
N LYS A 15 -6.57 0.36 -3.50
CA LYS A 15 -6.95 1.45 -4.38
C LYS A 15 -6.87 1.01 -5.85
N ILE A 16 -5.82 0.26 -6.18
CA ILE A 16 -5.65 -0.20 -7.55
C ILE A 16 -6.07 -1.66 -7.68
N ALA A 17 -5.86 -2.42 -6.62
CA ALA A 17 -6.20 -3.84 -6.64
C ALA A 17 -7.70 -4.06 -6.50
N PHE A 18 -8.48 -2.98 -6.61
CA PHE A 18 -9.94 -3.08 -6.50
C PHE A 18 -10.58 -2.78 -7.84
N LYS A 19 -9.75 -2.35 -8.79
CA LYS A 19 -10.22 -2.02 -10.12
C LYS A 19 -9.34 -2.70 -11.17
N PRO A 1 14.33 3.11 3.98
CA PRO A 1 13.35 2.79 5.03
C PRO A 1 12.10 2.16 4.42
N MET A 2 12.21 0.92 4.00
CA MET A 2 11.08 0.23 3.38
C MET A 2 9.89 0.15 4.34
N ALA A 3 10.17 0.36 5.63
CA ALA A 3 9.12 0.30 6.64
C ALA A 3 7.99 1.28 6.32
N ARG A 4 8.31 2.30 5.55
CA ARG A 4 7.30 3.30 5.17
C ARG A 4 6.29 2.69 4.20
N ASN A 5 6.79 1.90 3.28
CA ASN A 5 5.97 1.27 2.27
C ASN A 5 4.93 0.34 2.89
N LYS A 6 5.35 -0.42 3.89
CA LYS A 6 4.44 -1.36 4.55
C LYS A 6 3.21 -0.64 5.09
N LYS A 7 3.39 0.59 5.54
CA LYS A 7 2.28 1.36 6.09
C LYS A 7 1.36 1.86 4.99
N LEU A 8 1.94 2.31 3.89
CA LEU A 8 1.17 2.84 2.78
C LEU A 8 0.66 1.73 1.85
N LEU A 9 1.38 0.62 1.78
CA LEU A 9 0.98 -0.47 0.90
C LEU A 9 -0.44 -0.92 1.21
N LYS A 10 -0.74 -1.15 2.49
CA LYS A 10 -2.07 -1.58 2.87
C LYS A 10 -3.11 -0.55 2.45
N LYS A 11 -2.67 0.69 2.28
CA LYS A 11 -3.55 1.75 1.86
C LYS A 11 -3.55 1.86 0.33
N LEU A 12 -2.38 1.68 -0.26
CA LEU A 12 -2.22 1.78 -1.72
C LEU A 12 -2.81 0.57 -2.46
N ARG A 13 -2.88 -0.58 -1.80
CA ARG A 13 -3.38 -1.79 -2.46
C ARG A 13 -4.82 -1.63 -2.92
N LEU A 14 -5.67 -1.08 -2.07
CA LEU A 14 -7.08 -0.92 -2.45
C LEU A 14 -7.24 -0.03 -3.68
N LYS A 15 -6.18 0.69 -4.07
CA LYS A 15 -6.26 1.57 -5.24
C LYS A 15 -5.95 0.78 -6.51
N ILE A 16 -4.94 -0.09 -6.45
CA ILE A 16 -4.59 -0.90 -7.62
C ILE A 16 -5.50 -2.12 -7.69
N ALA A 17 -6.08 -2.47 -6.56
CA ALA A 17 -7.00 -3.61 -6.49
C ALA A 17 -8.44 -3.12 -6.62
N PHE A 18 -8.60 -1.88 -7.05
CA PHE A 18 -9.92 -1.27 -7.20
C PHE A 18 -10.49 -1.56 -8.59
N LYS A 19 -9.83 -2.45 -9.32
CA LYS A 19 -10.28 -2.79 -10.67
C LYS A 19 -10.52 -4.28 -10.80
N PRO A 1 14.11 3.04 5.59
CA PRO A 1 13.16 2.31 6.46
C PRO A 1 12.02 1.76 5.62
N MET A 2 12.19 0.54 5.13
CA MET A 2 11.15 -0.09 4.32
C MET A 2 9.82 -0.12 5.08
N ALA A 3 9.88 0.14 6.37
CA ALA A 3 8.70 0.13 7.23
C ALA A 3 7.61 1.07 6.72
N ARG A 4 8.00 2.16 6.08
CA ARG A 4 7.00 3.12 5.59
C ARG A 4 6.23 2.55 4.41
N ASN A 5 6.88 1.71 3.61
CA ASN A 5 6.24 1.13 2.43
C ASN A 5 5.03 0.29 2.83
N LYS A 6 5.22 -0.55 3.84
CA LYS A 6 4.13 -1.41 4.31
C LYS A 6 2.92 -0.58 4.71
N LYS A 7 3.17 0.61 5.25
CA LYS A 7 2.08 1.49 5.69
C LYS A 7 1.38 2.13 4.49
N LEU A 8 2.14 2.50 3.48
CA LEU A 8 1.56 3.13 2.29
C LEU A 8 1.02 2.07 1.33
N LEU A 9 1.81 1.03 1.10
CA LEU A 9 1.41 -0.04 0.19
C LEU A 9 0.07 -0.63 0.62
N LYS A 10 -0.11 -0.82 1.92
CA LYS A 10 -1.34 -1.38 2.44
C LYS A 10 -2.54 -0.52 2.04
N LYS A 11 -2.29 0.77 1.89
CA LYS A 11 -3.35 1.70 1.55
C LYS A 11 -3.51 1.82 0.04
N LEU A 12 -2.39 2.03 -0.65
CA LEU A 12 -2.41 2.20 -2.09
C LEU A 12 -2.80 0.91 -2.81
N ARG A 13 -2.51 -0.24 -2.19
CA ARG A 13 -2.80 -1.52 -2.82
C ARG A 13 -4.29 -1.74 -3.06
N LEU A 14 -5.13 -1.42 -2.09
CA LEU A 14 -6.56 -1.65 -2.27
C LEU A 14 -7.16 -0.66 -3.25
N LYS A 15 -6.52 0.49 -3.41
CA LYS A 15 -7.03 1.49 -4.33
C LYS A 15 -6.99 0.97 -5.76
N ILE A 16 -5.92 0.29 -6.13
CA ILE A 16 -5.81 -0.23 -7.47
C ILE A 16 -6.34 -1.66 -7.53
N ALA A 17 -6.45 -2.30 -6.36
CA ALA A 17 -6.95 -3.68 -6.28
C ALA A 17 -8.41 -3.71 -5.82
N PHE A 18 -9.07 -2.56 -5.84
CA PHE A 18 -10.47 -2.49 -5.44
C PHE A 18 -11.34 -3.09 -6.53
N LYS A 19 -10.68 -3.72 -7.48
CA LYS A 19 -11.35 -4.33 -8.62
C LYS A 19 -11.13 -5.84 -8.63
N PRO A 1 14.12 2.89 5.66
CA PRO A 1 13.23 1.76 6.01
C PRO A 1 12.08 1.70 5.01
N MET A 2 12.22 0.85 4.00
CA MET A 2 11.17 0.72 2.99
C MET A 2 9.89 0.19 3.64
N ALA A 3 10.03 -0.31 4.86
CA ALA A 3 8.90 -0.86 5.58
C ALA A 3 7.77 0.17 5.72
N ARG A 4 8.15 1.43 5.87
CA ARG A 4 7.16 2.49 6.00
C ARG A 4 6.18 2.46 4.82
N ASN A 5 6.72 2.21 3.63
CA ASN A 5 5.89 2.16 2.44
C ASN A 5 4.88 1.03 2.57
N LYS A 6 5.33 -0.11 3.08
CA LYS A 6 4.45 -1.26 3.25
C LYS A 6 3.28 -0.88 4.14
N LYS A 7 3.53 -0.03 5.13
CA LYS A 7 2.47 0.40 6.04
C LYS A 7 1.48 1.27 5.29
N LEU A 8 1.96 2.12 4.40
CA LEU A 8 1.09 2.99 3.63
C LEU A 8 0.45 2.21 2.49
N LEU A 9 1.10 1.12 2.10
CA LEU A 9 0.62 0.28 1.01
C LEU A 9 -0.80 -0.20 1.29
N LYS A 10 -1.18 -0.25 2.55
CA LYS A 10 -2.53 -0.71 2.90
C LYS A 10 -3.56 0.19 2.23
N LYS A 11 -3.25 1.48 2.16
CA LYS A 11 -4.15 2.44 1.55
C LYS A 11 -4.05 2.35 0.04
N LEU A 12 -2.84 2.16 -0.44
CA LEU A 12 -2.59 2.05 -1.87
C LEU A 12 -3.08 0.71 -2.41
N ARG A 13 -3.11 -0.31 -1.55
CA ARG A 13 -3.53 -1.64 -2.00
C ARG A 13 -4.94 -1.60 -2.55
N LEU A 14 -5.84 -0.88 -1.90
CA LEU A 14 -7.20 -0.79 -2.39
C LEU A 14 -7.22 -0.09 -3.75
N LYS A 15 -6.15 0.63 -4.04
CA LYS A 15 -6.06 1.36 -5.31
C LYS A 15 -5.48 0.48 -6.44
N ILE A 16 -4.46 -0.31 -6.13
CA ILE A 16 -3.85 -1.16 -7.12
C ILE A 16 -4.46 -2.56 -7.08
N ALA A 17 -5.06 -2.90 -5.95
CA ALA A 17 -5.68 -4.21 -5.78
C ALA A 17 -7.20 -4.09 -5.89
N PHE A 18 -7.66 -2.97 -6.44
CA PHE A 18 -9.09 -2.76 -6.59
C PHE A 18 -9.64 -3.79 -7.55
N LYS A 19 -8.74 -4.39 -8.31
CA LYS A 19 -9.13 -5.38 -9.30
C LYS A 19 -8.11 -6.53 -9.33
N PRO A 1 14.40 0.84 6.08
CA PRO A 1 13.22 0.03 6.48
C PRO A 1 12.07 0.28 5.52
N MET A 2 12.01 -0.53 4.46
CA MET A 2 10.94 -0.40 3.48
C MET A 2 9.58 -0.53 4.15
N ALA A 3 9.58 -1.02 5.38
CA ALA A 3 8.34 -1.22 6.12
C ALA A 3 7.56 0.09 6.19
N ARG A 4 8.26 1.22 6.13
CA ARG A 4 7.61 2.52 6.17
C ARG A 4 6.63 2.63 5.01
N ASN A 5 6.99 2.04 3.88
CA ASN A 5 6.14 2.07 2.69
C ASN A 5 4.91 1.19 2.89
N LYS A 6 5.08 0.09 3.63
CA LYS A 6 3.97 -0.84 3.87
C LYS A 6 2.77 -0.10 4.46
N LYS A 7 3.05 0.94 5.24
CA LYS A 7 1.97 1.71 5.85
C LYS A 7 1.10 2.31 4.76
N LEU A 8 1.75 2.81 3.70
CA LEU A 8 1.04 3.41 2.58
C LEU A 8 0.61 2.33 1.59
N LEU A 9 1.52 1.39 1.32
CA LEU A 9 1.24 0.32 0.38
C LEU A 9 -0.03 -0.44 0.78
N LYS A 10 -0.18 -0.70 2.07
CA LYS A 10 -1.36 -1.42 2.55
C LYS A 10 -2.62 -0.66 2.19
N LYS A 11 -2.50 0.67 2.13
CA LYS A 11 -3.64 1.51 1.81
C LYS A 11 -3.72 1.73 0.29
N LEU A 12 -2.57 1.88 -0.33
CA LEU A 12 -2.52 2.11 -1.77
C LEU A 12 -2.90 0.85 -2.55
N ARG A 13 -2.64 -0.32 -1.96
CA ARG A 13 -2.95 -1.57 -2.65
C ARG A 13 -4.45 -1.69 -2.92
N LEU A 14 -5.28 -1.33 -1.97
CA LEU A 14 -6.72 -1.43 -2.17
C LEU A 14 -7.15 -0.52 -3.31
N LYS A 15 -6.29 0.44 -3.66
CA LYS A 15 -6.62 1.36 -4.73
C LYS A 15 -6.37 0.72 -6.09
N ILE A 16 -5.27 -0.02 -6.21
CA ILE A 16 -4.95 -0.66 -7.47
C ILE A 16 -5.59 -2.04 -7.50
N ALA A 17 -5.79 -2.62 -6.32
CA ALA A 17 -6.41 -3.94 -6.22
C ALA A 17 -7.93 -3.80 -6.31
N PHE A 18 -8.38 -2.63 -6.72
CA PHE A 18 -9.81 -2.35 -6.85
C PHE A 18 -10.33 -2.91 -8.17
N LYS A 19 -9.41 -3.28 -9.05
CA LYS A 19 -9.78 -3.81 -10.36
C LYS A 19 -8.90 -5.00 -10.71
N PRO A 1 14.30 2.17 4.36
CA PRO A 1 13.36 1.62 5.35
C PRO A 1 12.01 1.39 4.69
N MET A 2 11.91 0.32 3.91
CA MET A 2 10.68 -0.02 3.22
C MET A 2 9.51 -0.15 4.19
N ALA A 3 9.80 -0.18 5.48
CA ALA A 3 8.75 -0.33 6.48
C ALA A 3 7.69 0.75 6.31
N ARG A 4 8.11 1.99 6.07
CA ARG A 4 7.15 3.06 5.88
C ARG A 4 6.22 2.75 4.70
N ASN A 5 6.80 2.19 3.64
CA ASN A 5 6.03 1.84 2.45
C ASN A 5 4.96 0.82 2.79
N LYS A 6 5.31 -0.12 3.66
CA LYS A 6 4.38 -1.16 4.07
C LYS A 6 3.12 -0.55 4.65
N LYS A 7 3.29 0.59 5.31
CA LYS A 7 2.15 1.27 5.91
C LYS A 7 1.28 1.91 4.84
N LEU A 8 1.93 2.51 3.84
CA LEU A 8 1.20 3.15 2.75
C LEU A 8 0.71 2.11 1.75
N LEU A 9 1.53 1.08 1.53
CA LEU A 9 1.18 0.04 0.58
C LEU A 9 -0.16 -0.60 0.94
N LYS A 10 -0.36 -0.89 2.22
CA LYS A 10 -1.61 -1.50 2.66
C LYS A 10 -2.79 -0.62 2.31
N LYS A 11 -2.53 0.69 2.23
CA LYS A 11 -3.55 1.65 1.92
C LYS A 11 -3.63 1.84 0.40
N LEU A 12 -2.46 1.92 -0.23
CA LEU A 12 -2.40 2.11 -1.68
C LEU A 12 -2.83 0.85 -2.43
N ARG A 13 -2.69 -0.29 -1.78
CA ARG A 13 -3.05 -1.54 -2.44
C ARG A 13 -4.55 -1.55 -2.78
N LEU A 14 -5.39 -1.00 -1.91
CA LEU A 14 -6.82 -0.97 -2.18
C LEU A 14 -7.12 -0.17 -3.44
N LYS A 15 -6.13 0.56 -3.94
CA LYS A 15 -6.34 1.37 -5.14
C LYS A 15 -6.07 0.53 -6.37
N ILE A 16 -5.05 -0.32 -6.29
CA ILE A 16 -4.67 -1.16 -7.42
C ILE A 16 -5.20 -2.59 -7.28
N ALA A 17 -5.34 -3.03 -6.04
CA ALA A 17 -5.81 -4.41 -5.78
C ALA A 17 -7.33 -4.51 -5.81
N PHE A 18 -8.00 -3.45 -6.26
CA PHE A 18 -9.46 -3.45 -6.34
C PHE A 18 -9.88 -3.38 -7.80
N LYS A 19 -8.88 -3.32 -8.66
CA LYS A 19 -9.09 -3.22 -10.09
C LYS A 19 -8.68 -4.51 -10.79
N PRO A 1 14.42 3.54 5.32
CA PRO A 1 13.31 2.93 6.10
C PRO A 1 12.30 2.30 5.14
N MET A 2 12.46 1.01 4.90
CA MET A 2 11.55 0.29 4.01
C MET A 2 10.20 0.04 4.68
N ALA A 3 10.16 0.25 5.99
CA ALA A 3 8.95 0.01 6.78
C ALA A 3 7.81 0.96 6.44
N ARG A 4 8.14 2.24 6.28
CA ARG A 4 7.13 3.26 5.98
C ARG A 4 6.30 2.88 4.76
N ASN A 5 6.95 2.31 3.76
CA ASN A 5 6.25 1.93 2.54
C ASN A 5 5.19 0.88 2.84
N LYS A 6 5.49 -0.03 3.76
CA LYS A 6 4.54 -1.08 4.12
C LYS A 6 3.23 -0.49 4.62
N LYS A 7 3.31 0.63 5.32
CA LYS A 7 2.12 1.28 5.84
C LYS A 7 1.28 1.80 4.68
N LEU A 8 1.93 2.42 3.72
CA LEU A 8 1.23 2.96 2.57
C LEU A 8 0.75 1.83 1.67
N LEU A 9 1.50 0.74 1.66
CA LEU A 9 1.15 -0.41 0.84
C LEU A 9 -0.26 -0.89 1.14
N LYS A 10 -0.64 -0.83 2.42
CA LYS A 10 -1.97 -1.25 2.83
C LYS A 10 -3.01 -0.40 2.11
N LYS A 11 -2.65 0.84 1.83
CA LYS A 11 -3.56 1.75 1.14
C LYS A 11 -3.47 1.52 -0.36
N LEU A 12 -2.25 1.45 -0.87
CA LEU A 12 -2.04 1.24 -2.29
C LEU A 12 -2.77 -0.01 -2.77
N ARG A 13 -2.76 -1.05 -1.95
CA ARG A 13 -3.43 -2.30 -2.33
C ARG A 13 -4.90 -2.04 -2.57
N LEU A 14 -5.47 -1.08 -1.85
CA LEU A 14 -6.88 -0.78 -2.03
C LEU A 14 -7.10 -0.04 -3.34
N LYS A 15 -6.17 0.82 -3.69
CA LYS A 15 -6.29 1.63 -4.90
C LYS A 15 -6.07 0.82 -6.19
N ILE A 16 -5.09 -0.08 -6.21
CA ILE A 16 -4.86 -0.86 -7.41
C ILE A 16 -5.98 -1.87 -7.60
N ALA A 17 -6.62 -2.21 -6.49
CA ALA A 17 -7.72 -3.16 -6.52
C ALA A 17 -9.06 -2.44 -6.67
N PHE A 18 -9.05 -1.14 -6.42
CA PHE A 18 -10.26 -0.33 -6.53
C PHE A 18 -10.78 -0.36 -7.96
N LYS A 19 -9.94 -0.85 -8.87
CA LYS A 19 -10.31 -0.94 -10.27
C LYS A 19 -9.82 -2.26 -10.86
N PRO A 1 14.03 2.68 7.54
CA PRO A 1 13.14 1.52 7.77
C PRO A 1 12.07 1.48 6.67
N MET A 2 12.42 0.91 5.52
CA MET A 2 11.48 0.83 4.41
C MET A 2 10.18 0.16 4.85
N ALA A 3 10.25 -0.55 5.98
CA ALA A 3 9.07 -1.24 6.51
C ALA A 3 7.94 -0.24 6.74
N ARG A 4 8.29 1.03 6.88
CA ARG A 4 7.27 2.06 7.10
C ARG A 4 6.47 2.30 5.83
N ASN A 5 7.15 2.29 4.69
CA ASN A 5 6.50 2.52 3.41
C ASN A 5 5.46 1.44 3.15
N LYS A 6 5.76 0.22 3.56
CA LYS A 6 4.84 -0.90 3.36
C LYS A 6 3.48 -0.62 3.97
N LYS A 7 3.47 0.05 5.11
CA LYS A 7 2.21 0.35 5.80
C LYS A 7 1.39 1.36 5.01
N LEU A 8 2.07 2.24 4.31
CA LEU A 8 1.40 3.25 3.50
C LEU A 8 1.05 2.67 2.13
N LEU A 9 1.85 1.72 1.67
CA LEU A 9 1.62 1.09 0.38
C LEU A 9 0.29 0.34 0.36
N LYS A 10 -0.11 -0.18 1.50
CA LYS A 10 -1.38 -0.93 1.58
C LYS A 10 -2.53 -0.04 1.15
N LYS A 11 -2.50 1.21 1.58
CA LYS A 11 -3.55 2.14 1.23
C LYS A 11 -3.71 2.20 -0.30
N LEU A 12 -2.59 2.06 -0.99
CA LEU A 12 -2.59 2.11 -2.45
C LEU A 12 -3.18 0.83 -3.04
N ARG A 13 -3.02 -0.30 -2.37
CA ARG A 13 -3.52 -1.57 -2.90
C ARG A 13 -5.03 -1.55 -3.05
N LEU A 14 -5.73 -0.91 -2.12
CA LEU A 14 -7.19 -0.85 -2.21
C LEU A 14 -7.62 -0.16 -3.49
N LYS A 15 -6.70 0.54 -4.14
CA LYS A 15 -7.03 1.23 -5.38
C LYS A 15 -6.89 0.28 -6.57
N ILE A 16 -5.85 -0.54 -6.54
CA ILE A 16 -5.61 -1.47 -7.62
C ILE A 16 -6.30 -2.80 -7.34
N ALA A 17 -6.53 -3.09 -6.08
CA ALA A 17 -7.19 -4.34 -5.69
C ALA A 17 -8.70 -4.23 -5.83
N PHE A 18 -9.18 -3.03 -6.14
CA PHE A 18 -10.61 -2.82 -6.28
C PHE A 18 -11.10 -3.34 -7.64
N LYS A 19 -10.21 -4.00 -8.36
CA LYS A 19 -10.55 -4.56 -9.66
C LYS A 19 -9.82 -5.89 -9.88
N PRO A 1 13.85 2.60 3.28
CA PRO A 1 13.20 1.76 4.32
C PRO A 1 11.77 1.44 3.89
N MET A 2 11.62 0.39 3.08
CA MET A 2 10.30 -0.01 2.60
C MET A 2 9.36 -0.32 3.77
N ALA A 3 9.94 -0.47 4.96
CA ALA A 3 9.14 -0.78 6.14
C ALA A 3 8.03 0.24 6.34
N ARG A 4 8.34 1.51 6.13
CA ARG A 4 7.35 2.57 6.31
C ARG A 4 6.37 2.57 5.13
N ASN A 5 6.90 2.29 3.94
CA ASN A 5 6.06 2.27 2.74
C ASN A 5 4.96 1.22 2.87
N LYS A 6 5.28 0.10 3.51
CA LYS A 6 4.31 -0.97 3.68
C LYS A 6 3.05 -0.46 4.37
N LYS A 7 3.22 0.51 5.28
CA LYS A 7 2.09 1.07 6.00
C LYS A 7 1.17 1.77 5.01
N LEU A 8 1.77 2.53 4.11
CA LEU A 8 1.01 3.25 3.09
C LEU A 8 0.53 2.25 2.03
N LEU A 9 1.34 1.23 1.81
CA LEU A 9 0.99 0.21 0.83
C LEU A 9 -0.36 -0.39 1.18
N LYS A 10 -0.64 -0.51 2.46
CA LYS A 10 -1.92 -1.05 2.90
C LYS A 10 -3.04 -0.19 2.35
N LYS A 11 -2.77 1.11 2.22
CA LYS A 11 -3.76 2.03 1.72
C LYS A 11 -3.66 2.15 0.21
N LEU A 12 -2.45 2.02 -0.33
CA LEU A 12 -2.23 2.12 -1.77
C LEU A 12 -2.74 0.88 -2.51
N ARG A 13 -2.66 -0.27 -1.85
CA ARG A 13 -3.07 -1.52 -2.47
C ARG A 13 -4.55 -1.55 -2.86
N LEU A 14 -5.42 -1.07 -1.99
CA LEU A 14 -6.85 -1.10 -2.30
C LEU A 14 -7.17 -0.26 -3.54
N LYS A 15 -6.23 0.56 -3.99
CA LYS A 15 -6.45 1.37 -5.19
C LYS A 15 -6.13 0.57 -6.44
N ILE A 16 -5.06 -0.20 -6.38
CA ILE A 16 -4.64 -1.00 -7.52
C ILE A 16 -5.29 -2.38 -7.49
N ALA A 17 -5.65 -2.83 -6.30
CA ALA A 17 -6.30 -4.13 -6.15
C ALA A 17 -7.81 -4.02 -6.33
N PHE A 18 -8.26 -2.89 -6.87
CA PHE A 18 -9.69 -2.68 -7.09
C PHE A 18 -10.06 -2.88 -8.55
N LYS A 19 -9.07 -3.20 -9.37
CA LYS A 19 -9.31 -3.42 -10.80
C LYS A 19 -8.27 -4.38 -11.36
N PRO A 1 13.60 3.19 6.69
CA PRO A 1 12.92 1.87 6.67
C PRO A 1 11.94 1.83 5.51
N MET A 2 12.33 1.14 4.44
CA MET A 2 11.45 0.99 3.27
C MET A 2 10.13 0.40 3.71
N ALA A 3 10.12 -0.15 4.92
CA ALA A 3 8.92 -0.75 5.48
C ALA A 3 7.80 0.28 5.46
N ARG A 4 8.17 1.56 5.39
CA ARG A 4 7.18 2.61 5.35
C ARG A 4 6.20 2.36 4.21
N ASN A 5 6.70 1.74 3.15
CA ASN A 5 5.86 1.43 1.99
C ASN A 5 4.75 0.49 2.41
N LYS A 6 5.11 -0.53 3.18
CA LYS A 6 4.12 -1.49 3.64
C LYS A 6 3.05 -0.82 4.51
N LYS A 7 3.47 0.19 5.28
CA LYS A 7 2.53 0.91 6.14
C LYS A 7 1.49 1.62 5.28
N LEU A 8 1.95 2.23 4.20
CA LEU A 8 1.05 2.93 3.28
C LEU A 8 0.44 1.95 2.28
N LEU A 9 1.16 0.85 2.03
CA LEU A 9 0.69 -0.14 1.07
C LEU A 9 -0.70 -0.63 1.44
N LYS A 10 -1.00 -0.67 2.74
CA LYS A 10 -2.32 -1.12 3.16
C LYS A 10 -3.38 -0.22 2.54
N LYS A 11 -3.02 1.04 2.34
CA LYS A 11 -3.94 2.01 1.75
C LYS A 11 -3.76 2.03 0.24
N LEU A 12 -2.52 1.99 -0.21
CA LEU A 12 -2.23 2.02 -1.64
C LEU A 12 -2.71 0.75 -2.33
N ARG A 13 -2.74 -0.37 -1.60
CA ARG A 13 -3.15 -1.64 -2.20
C ARG A 13 -4.59 -1.58 -2.69
N LEU A 14 -5.49 -0.95 -1.94
CA LEU A 14 -6.87 -0.88 -2.37
C LEU A 14 -7.00 -0.19 -3.72
N LYS A 15 -5.99 0.57 -4.10
CA LYS A 15 -6.03 1.28 -5.38
C LYS A 15 -5.54 0.38 -6.52
N ILE A 16 -4.48 -0.38 -6.27
CA ILE A 16 -3.91 -1.25 -7.29
C ILE A 16 -4.40 -2.70 -7.14
N ALA A 17 -4.87 -3.06 -5.96
CA ALA A 17 -5.34 -4.42 -5.71
C ALA A 17 -6.80 -4.58 -6.13
N PHE A 18 -7.44 -3.49 -6.54
CA PHE A 18 -8.83 -3.56 -6.95
C PHE A 18 -8.93 -3.33 -8.45
N LYS A 19 -7.96 -2.61 -8.98
CA LYS A 19 -7.91 -2.32 -10.42
C LYS A 19 -6.60 -1.62 -10.76
#